data_7EFT
#
_entry.id   7EFT
#
_cell.length_a   133.291
_cell.length_b   47.583
_cell.length_c   77.332
_cell.angle_alpha   90.000
_cell.angle_beta   99.180
_cell.angle_gamma   90.000
#
_symmetry.space_group_name_H-M   'C 1 2 1'
#
loop_
_entity.id
_entity.type
_entity.pdbx_description
1 polymer 'Cell shape protein MreC'
2 non-polymer 'CHLORIDE ION'
3 water water
#
_entity_poly.entity_id   1
_entity_poly.type   'polypeptide(L)'
_entity_poly.pdbx_seq_one_letter_code
;MKPIFSRGPSLQIRLILAVLVALGIIIADSRLGTFSQIRTYMDTAVSPFYFVSNAPRELLDGVSQTLASRDQLELENRAL
RQELLLKNSELLMLGQYKQENARLRELLGSPLRQDEQKMVTQVISTVNDPYSDQVVIDKGSVNGVYEGQPVISDKGVVGQ
VVAVAKLTSRVLLICDATHALPIQVLRNDIRVIAAGNGCTDDLQLEHLPANTDIRVGDVLVTSGLGGRFPEGYPVAVVSS
VKLDTQRAYTVIQARPTAGLQRLRYLLLLWGADRNGANPMTPEEVHRVANERLMQMMPQVLPSPDAMGPKLPEPATGIAQ
PTPQQPATGNAATAPAAPTQPAANRSPQRATPPQSGAQPPARAPGGQ
;
_entity_poly.pdbx_strand_id   A,B
#
loop_
_chem_comp.id
_chem_comp.type
_chem_comp.name
_chem_comp.formula
CL non-polymer 'CHLORIDE ION' 'Cl -1'
#
# COMPACT_ATOMS: atom_id res chain seq x y z
N GLU A 74 30.53 18.40 -31.79
CA GLU A 74 29.83 17.55 -30.83
C GLU A 74 28.87 18.35 -29.95
N LEU A 75 27.73 18.68 -30.55
CA LEU A 75 26.64 19.30 -29.81
C LEU A 75 26.04 18.38 -28.76
N GLU A 76 26.30 17.07 -28.86
CA GLU A 76 25.69 16.15 -27.91
C GLU A 76 26.26 16.34 -26.50
N ASN A 77 27.51 16.77 -26.41
CA ASN A 77 28.11 17.00 -25.09
C ASN A 77 27.30 18.01 -24.29
N ARG A 78 27.00 19.17 -24.88
CA ARG A 78 26.30 20.19 -24.10
C ARG A 78 24.81 19.92 -24.01
N ALA A 79 24.24 19.20 -24.98
CA ALA A 79 22.84 18.82 -24.84
C ALA A 79 22.64 17.93 -23.62
N LEU A 80 23.57 17.01 -23.37
CA LEU A 80 23.52 16.20 -22.17
C LEU A 80 23.77 17.05 -20.92
N ARG A 81 24.71 17.99 -21.01
CA ARG A 81 25.04 18.83 -19.86
C ARG A 81 23.83 19.64 -19.40
N GLN A 82 23.04 20.16 -20.35
CA GLN A 82 21.92 21.01 -19.96
C GLN A 82 20.73 20.18 -19.49
N GLU A 83 20.54 18.99 -20.09
CA GLU A 83 19.53 18.08 -19.55
C GLU A 83 19.86 17.69 -18.12
N LEU A 84 21.16 17.52 -17.82
CA LEU A 84 21.58 17.21 -16.46
C LEU A 84 21.33 18.39 -15.52
N LEU A 85 21.61 19.62 -15.99
CA LEU A 85 21.34 20.80 -15.19
C LEU A 85 19.86 20.90 -14.86
N LEU A 86 19.00 20.62 -15.84
CA LEU A 86 17.56 20.74 -15.66
C LEU A 86 17.01 19.78 -14.60
N LYS A 87 17.74 18.70 -14.31
CA LYS A 87 17.28 17.74 -13.30
C LYS A 87 17.46 18.24 -11.87
N ASN A 88 18.16 19.37 -11.67
CA ASN A 88 18.57 19.73 -10.32
C ASN A 88 17.39 20.09 -9.43
N SER A 89 16.47 20.93 -9.93
CA SER A 89 15.31 21.27 -9.11
C SER A 89 14.54 20.00 -8.73
N GLU A 90 14.46 19.05 -9.66
CA GLU A 90 13.83 17.76 -9.37
C GLU A 90 14.62 16.99 -8.32
N LEU A 91 15.94 16.97 -8.44
CA LEU A 91 16.76 16.20 -7.51
C LEU A 91 16.72 16.81 -6.11
N LEU A 92 16.66 18.13 -6.02
CA LEU A 92 16.53 18.77 -4.71
C LEU A 92 15.19 18.41 -4.07
N MET A 93 14.11 18.47 -4.85
CA MET A 93 12.79 18.07 -4.36
C MET A 93 12.81 16.62 -3.86
N LEU A 94 13.43 15.72 -4.63
CA LEU A 94 13.55 14.34 -4.18
C LEU A 94 14.25 14.26 -2.83
N GLY A 95 15.36 15.00 -2.69
CA GLY A 95 16.05 15.02 -1.40
C GLY A 95 15.14 15.37 -0.25
N GLN A 96 14.28 16.38 -0.44
CA GLN A 96 13.35 16.76 0.63
C GLN A 96 12.37 15.65 0.94
N TYR A 97 11.83 14.98 -0.09
CA TYR A 97 10.91 13.87 0.14
C TYR A 97 11.60 12.73 0.89
N LYS A 98 12.84 12.43 0.53
CA LYS A 98 13.56 11.34 1.18
C LYS A 98 13.84 11.68 2.64
N GLN A 99 14.20 12.94 2.93
CA GLN A 99 14.43 13.31 4.32
C GLN A 99 13.15 13.27 5.13
N GLU A 100 12.05 13.78 4.56
CA GLU A 100 10.78 13.72 5.27
C GLU A 100 10.36 12.27 5.52
N ASN A 101 10.51 11.41 4.50
CA ASN A 101 10.19 9.99 4.65
C ASN A 101 10.96 9.36 5.80
N ALA A 102 12.26 9.66 5.91
CA ALA A 102 13.05 9.14 7.03
C ALA A 102 12.52 9.64 8.37
N ARG A 103 12.17 10.92 8.46
CA ARG A 103 11.62 11.46 9.70
C ARG A 103 10.31 10.75 10.05
N LEU A 104 9.43 10.57 9.05
CA LEU A 104 8.15 9.92 9.29
C LEU A 104 8.33 8.47 9.75
N ARG A 105 9.26 7.74 9.14
CA ARG A 105 9.45 6.33 9.51
C ARG A 105 10.04 6.19 10.90
N GLU A 106 10.87 7.15 11.32
CA GLU A 106 11.32 7.18 12.71
C GLU A 106 10.14 7.32 13.67
N LEU A 107 9.37 8.41 13.52
CA LEU A 107 8.25 8.70 14.40
C LEU A 107 7.28 7.53 14.53
N LEU A 108 7.14 6.72 13.48
CA LEU A 108 6.22 5.60 13.45
C LEU A 108 6.89 4.27 13.76
N GLY A 109 8.15 4.29 14.19
CA GLY A 109 8.85 3.07 14.57
C GLY A 109 9.15 2.13 13.43
N SER A 110 9.35 2.66 12.23
CA SER A 110 9.64 1.75 11.15
C SER A 110 11.11 1.92 10.72
N PRO A 111 11.75 0.84 10.26
CA PRO A 111 13.12 0.99 9.76
C PRO A 111 13.17 1.95 8.60
N LEU A 112 14.28 2.69 8.51
CA LEU A 112 14.44 3.66 7.44
C LEU A 112 14.55 2.96 6.09
N ARG A 113 14.16 3.67 5.03
CA ARG A 113 14.48 3.22 3.69
C ARG A 113 15.98 3.24 3.48
N GLN A 114 16.46 2.34 2.63
CA GLN A 114 17.86 2.29 2.23
C GLN A 114 17.97 2.27 0.72
N ASP A 115 18.92 3.05 0.20
CA ASP A 115 19.13 3.08 -1.25
C ASP A 115 19.47 1.70 -1.77
N GLU A 116 19.08 1.43 -3.00
CA GLU A 116 19.54 0.25 -3.70
C GLU A 116 20.96 0.43 -4.20
N GLN A 117 21.67 -0.69 -4.36
CA GLN A 117 22.87 -0.69 -5.18
C GLN A 117 22.47 -0.85 -6.64
N LYS A 118 23.16 -0.15 -7.53
CA LYS A 118 22.81 -0.12 -8.94
C LYS A 118 24.02 -0.37 -9.81
N MET A 119 23.82 -1.03 -10.95
CA MET A 119 24.90 -1.29 -11.89
C MET A 119 24.43 -1.05 -13.32
N VAL A 120 25.15 -0.19 -14.03
CA VAL A 120 24.88 0.01 -15.45
C VAL A 120 25.21 -1.26 -16.21
N THR A 121 24.36 -1.61 -17.16
CA THR A 121 24.56 -2.75 -18.03
C THR A 121 24.10 -2.35 -19.43
N GLN A 122 24.62 -3.05 -20.43
CA GLN A 122 24.25 -2.75 -21.79
C GLN A 122 23.60 -3.97 -22.43
N VAL A 123 22.55 -3.73 -23.21
CA VAL A 123 21.93 -4.79 -24.00
C VAL A 123 22.86 -5.14 -25.15
N ILE A 124 23.30 -6.39 -25.19
CA ILE A 124 24.11 -6.84 -26.32
C ILE A 124 23.23 -7.16 -27.52
N SER A 125 22.19 -7.97 -27.31
CA SER A 125 21.35 -8.40 -28.41
C SER A 125 19.97 -8.79 -27.88
N THR A 126 19.03 -8.89 -28.80
CA THR A 126 17.74 -9.51 -28.52
C THR A 126 17.83 -11.00 -28.80
N VAL A 127 17.05 -11.78 -28.05
CA VAL A 127 16.95 -13.21 -28.30
C VAL A 127 16.00 -13.39 -29.48
N ASN A 128 16.47 -14.04 -30.54
CA ASN A 128 15.61 -14.19 -31.71
C ASN A 128 14.67 -15.39 -31.54
N ASP A 129 14.03 -15.47 -30.38
CA ASP A 129 12.94 -16.40 -30.16
C ASP A 129 11.64 -15.69 -30.54
N PRO A 130 10.87 -16.21 -31.51
CA PRO A 130 9.66 -15.51 -31.93
C PRO A 130 8.51 -15.59 -30.94
N TYR A 131 8.61 -16.43 -29.92
CA TYR A 131 7.55 -16.61 -28.94
C TYR A 131 7.90 -16.05 -27.57
N SER A 132 9.05 -15.39 -27.44
CA SER A 132 9.45 -14.83 -26.16
C SER A 132 10.21 -13.53 -26.40
N ASP A 133 10.00 -12.59 -25.49
CA ASP A 133 10.57 -11.25 -25.59
C ASP A 133 11.67 -11.13 -24.53
N GLN A 134 12.91 -11.38 -24.94
CA GLN A 134 14.04 -11.34 -24.04
C GLN A 134 15.21 -10.63 -24.71
N VAL A 135 16.05 -10.00 -23.90
CA VAL A 135 17.29 -9.43 -24.39
C VAL A 135 18.44 -10.01 -23.58
N VAL A 136 19.65 -9.86 -24.11
CA VAL A 136 20.88 -10.32 -23.47
C VAL A 136 21.66 -9.10 -23.02
N ILE A 137 22.13 -9.12 -21.77
CA ILE A 137 22.86 -8.01 -21.19
C ILE A 137 24.29 -8.46 -20.89
N ASP A 138 25.19 -7.48 -20.74
CA ASP A 138 26.62 -7.75 -20.63
C ASP A 138 27.09 -7.90 -19.20
N LYS A 139 26.26 -8.43 -18.31
CA LYS A 139 26.67 -8.73 -16.94
C LYS A 139 26.17 -10.11 -16.54
N GLY A 140 26.91 -10.77 -15.65
CA GLY A 140 26.57 -12.12 -15.27
C GLY A 140 26.87 -12.45 -13.83
N SER A 141 27.05 -13.75 -13.54
CA SER A 141 27.28 -14.18 -12.17
C SER A 141 28.56 -13.60 -11.59
N VAL A 142 29.57 -13.32 -12.44
CA VAL A 142 30.80 -12.73 -11.90
C VAL A 142 30.57 -11.30 -11.43
N ASN A 143 29.52 -10.64 -11.91
CA ASN A 143 29.16 -9.31 -11.45
C ASN A 143 28.08 -9.31 -10.36
N GLY A 144 27.64 -10.49 -9.92
CA GLY A 144 26.64 -10.59 -8.88
C GLY A 144 25.21 -10.65 -9.35
N VAL A 145 24.99 -10.74 -10.66
CA VAL A 145 23.63 -10.83 -11.18
C VAL A 145 22.98 -12.12 -10.69
N TYR A 146 21.69 -12.05 -10.38
CA TYR A 146 20.95 -13.22 -9.89
C TYR A 146 19.62 -13.37 -10.63
N GLU A 147 19.12 -14.60 -10.62
CA GLU A 147 17.83 -14.90 -11.24
C GLU A 147 16.71 -14.22 -10.46
N GLY A 148 15.85 -13.48 -11.16
CA GLY A 148 14.80 -12.73 -10.52
C GLY A 148 15.14 -11.29 -10.24
N GLN A 149 16.32 -10.86 -10.62
CA GLN A 149 16.79 -9.52 -10.33
C GLN A 149 16.13 -8.50 -11.25
N PRO A 150 15.70 -7.37 -10.71
CA PRO A 150 15.01 -6.36 -11.53
C PRO A 150 15.96 -5.57 -12.43
N VAL A 151 15.43 -5.19 -13.58
CA VAL A 151 16.15 -4.34 -14.53
C VAL A 151 15.25 -3.16 -14.91
N ILE A 152 15.82 -1.95 -14.88
CA ILE A 152 15.08 -0.73 -15.18
C ILE A 152 15.86 0.11 -16.16
N SER A 153 15.18 1.07 -16.74
CA SER A 153 15.77 2.11 -17.62
C SER A 153 15.45 3.48 -17.03
N ASP A 154 15.74 4.55 -17.75
CA ASP A 154 15.46 5.91 -17.25
C ASP A 154 13.96 6.13 -17.04
N LYS A 155 13.10 5.54 -17.86
CA LYS A 155 11.64 5.77 -17.77
C LYS A 155 10.86 4.74 -16.93
N GLY A 156 11.40 3.57 -16.60
CA GLY A 156 10.68 2.66 -15.74
C GLY A 156 11.23 1.25 -15.82
N VAL A 157 10.45 0.35 -15.22
CA VAL A 157 10.81 -1.06 -15.15
C VAL A 157 10.87 -1.67 -16.54
N VAL A 158 11.93 -2.42 -16.81
CA VAL A 158 12.11 -3.07 -18.11
C VAL A 158 11.83 -4.57 -18.03
N GLY A 159 12.23 -5.22 -16.94
CA GLY A 159 12.03 -6.64 -16.81
C GLY A 159 12.83 -7.18 -15.65
N GLN A 160 13.11 -8.49 -15.72
CA GLN A 160 13.91 -9.14 -14.70
C GLN A 160 14.82 -10.18 -15.33
N VAL A 161 15.91 -10.49 -14.62
CA VAL A 161 16.84 -11.53 -15.05
C VAL A 161 16.21 -12.90 -14.87
N VAL A 162 16.23 -13.70 -15.92
CA VAL A 162 15.68 -15.06 -15.88
C VAL A 162 16.74 -16.14 -16.01
N ALA A 163 17.92 -15.83 -16.56
CA ALA A 163 18.99 -16.81 -16.73
C ALA A 163 20.33 -16.09 -16.68
N VAL A 164 21.25 -16.60 -15.87
CA VAL A 164 22.54 -15.97 -15.62
C VAL A 164 23.64 -16.87 -16.13
N ALA A 165 24.44 -16.36 -17.08
CA ALA A 165 25.73 -16.97 -17.39
C ALA A 165 26.79 -16.25 -16.55
N LYS A 166 28.07 -16.52 -16.78
CA LYS A 166 29.03 -15.87 -15.89
C LYS A 166 29.36 -14.46 -16.34
N LEU A 167 29.34 -14.19 -17.65
CA LEU A 167 29.60 -12.85 -18.16
C LEU A 167 28.36 -12.15 -18.72
N THR A 168 27.30 -12.88 -19.02
CA THR A 168 26.11 -12.32 -19.65
C THR A 168 24.88 -12.91 -18.97
N SER A 169 23.72 -12.31 -19.28
CA SER A 169 22.45 -12.75 -18.70
C SER A 169 21.33 -12.45 -19.68
N ARG A 170 20.26 -13.22 -19.58
CA ARG A 170 19.05 -12.96 -20.34
C ARG A 170 18.02 -12.31 -19.44
N VAL A 171 17.38 -11.24 -19.94
CA VAL A 171 16.35 -10.50 -19.22
C VAL A 171 15.02 -10.73 -19.93
N LEU A 172 14.01 -11.16 -19.17
CA LEU A 172 12.65 -11.24 -19.67
C LEU A 172 11.96 -9.88 -19.54
N LEU A 173 11.40 -9.39 -20.64
CA LEU A 173 10.75 -8.08 -20.64
C LEU A 173 9.35 -8.16 -20.03
N ILE A 174 8.92 -7.08 -19.38
CA ILE A 174 7.64 -7.10 -18.68
C ILE A 174 6.48 -7.30 -19.64
N CYS A 175 6.65 -7.00 -20.93
CA CYS A 175 5.57 -7.25 -21.85
C CYS A 175 5.53 -8.68 -22.38
N ASP A 176 6.48 -9.52 -22.00
CA ASP A 176 6.40 -10.93 -22.39
C ASP A 176 5.18 -11.59 -21.75
N ALA A 177 4.54 -12.50 -22.50
CA ALA A 177 3.32 -13.13 -22.03
C ALA A 177 3.51 -14.01 -20.80
N THR A 178 4.74 -14.44 -20.50
CA THR A 178 4.98 -15.20 -19.27
C THR A 178 5.44 -14.31 -18.12
N HIS A 179 5.45 -12.99 -18.30
CA HIS A 179 5.91 -12.08 -17.28
C HIS A 179 4.72 -11.43 -16.58
N ALA A 180 4.72 -11.48 -15.26
CA ALA A 180 3.70 -10.85 -14.44
C ALA A 180 4.37 -10.13 -13.27
N LEU A 181 3.84 -8.95 -12.95
CA LEU A 181 4.45 -8.04 -11.99
C LEU A 181 3.33 -7.48 -11.12
N PRO A 182 3.45 -7.54 -9.79
CA PRO A 182 2.45 -6.89 -8.92
C PRO A 182 2.68 -5.38 -8.91
N ILE A 183 1.61 -4.61 -9.10
CA ILE A 183 1.70 -3.16 -9.21
C ILE A 183 0.65 -2.52 -8.33
N GLN A 184 0.73 -1.20 -8.21
CA GLN A 184 -0.25 -0.43 -7.46
C GLN A 184 -0.49 0.89 -8.18
N VAL A 185 -1.75 1.33 -8.14
CA VAL A 185 -2.13 2.64 -8.67
C VAL A 185 -1.62 3.72 -7.72
N LEU A 186 -0.79 4.63 -8.25
CA LEU A 186 -0.26 5.72 -7.43
C LEU A 186 -1.37 6.54 -6.78
N ARG A 187 -2.44 6.80 -7.53
CA ARG A 187 -3.48 7.72 -7.07
C ARG A 187 -4.20 7.17 -5.83
N ASN A 188 -4.63 5.91 -5.87
CA ASN A 188 -5.54 5.47 -4.82
C ASN A 188 -5.20 4.10 -4.24
N ASP A 189 -3.99 3.58 -4.48
CA ASP A 189 -3.43 2.43 -3.79
C ASP A 189 -4.06 1.10 -4.21
N ILE A 190 -4.83 1.05 -5.31
CA ILE A 190 -5.36 -0.22 -5.78
C ILE A 190 -4.21 -1.12 -6.22
N ARG A 191 -4.23 -2.36 -5.74
CA ARG A 191 -3.19 -3.34 -6.08
C ARG A 191 -3.73 -4.38 -7.04
N VAL A 192 -2.91 -4.76 -8.02
CA VAL A 192 -3.34 -5.72 -9.03
C VAL A 192 -2.10 -6.20 -9.78
N ILE A 193 -2.17 -7.41 -10.30
CA ILE A 193 -1.10 -7.96 -11.14
C ILE A 193 -1.23 -7.37 -12.53
N ALA A 194 -0.10 -6.99 -13.11
CA ALA A 194 -0.01 -6.60 -14.51
C ALA A 194 0.79 -7.65 -15.26
N ALA A 195 0.17 -8.30 -16.24
CA ALA A 195 0.79 -9.37 -17.01
C ALA A 195 1.10 -8.88 -18.42
N GLY A 196 2.19 -9.40 -18.98
CA GLY A 196 2.48 -9.16 -20.37
C GLY A 196 1.55 -9.93 -21.29
N ASN A 197 1.37 -9.41 -22.49
CA ASN A 197 0.60 -10.10 -23.53
C ASN A 197 1.37 -10.11 -24.84
N GLY A 198 2.68 -10.19 -24.77
CA GLY A 198 3.50 -9.94 -25.95
C GLY A 198 3.83 -8.47 -26.09
N CYS A 199 5.05 -8.21 -26.55
CA CYS A 199 5.54 -6.84 -26.59
C CYS A 199 4.98 -6.06 -27.77
N THR A 200 4.01 -6.64 -28.48
CA THR A 200 3.21 -5.94 -29.46
C THR A 200 1.96 -5.31 -28.85
N ASP A 201 1.60 -5.67 -27.62
CA ASP A 201 0.39 -5.17 -26.97
C ASP A 201 0.73 -4.51 -25.64
N ASP A 202 -0.26 -3.81 -25.09
CA ASP A 202 -0.14 -3.27 -23.75
C ASP A 202 -0.18 -4.40 -22.73
N LEU A 203 0.23 -4.08 -21.50
CA LEU A 203 0.07 -5.00 -20.40
C LEU A 203 -1.40 -5.15 -20.05
N GLN A 204 -1.76 -6.32 -19.50
CA GLN A 204 -3.12 -6.62 -19.09
C GLN A 204 -3.18 -6.75 -17.58
N LEU A 205 -4.07 -5.99 -16.96
CA LEU A 205 -4.28 -6.15 -15.53
C LEU A 205 -5.28 -7.28 -15.30
N GLU A 206 -5.27 -7.82 -14.09
CA GLU A 206 -6.33 -8.72 -13.66
C GLU A 206 -7.69 -8.03 -13.79
N HIS A 207 -8.71 -8.82 -14.09
CA HIS A 207 -10.07 -8.30 -14.11
C HIS A 207 -10.45 -7.78 -12.73
N LEU A 208 -11.02 -6.59 -12.69
CA LEU A 208 -11.39 -5.91 -11.47
C LEU A 208 -12.92 -5.77 -11.38
N PRO A 209 -13.46 -5.53 -10.19
CA PRO A 209 -14.90 -5.34 -10.05
C PRO A 209 -15.42 -4.18 -10.90
N ALA A 210 -16.71 -4.26 -11.21
CA ALA A 210 -17.36 -3.25 -12.04
C ALA A 210 -17.16 -1.84 -11.48
N ASN A 211 -17.31 -1.69 -10.16
CA ASN A 211 -17.31 -0.36 -9.55
C ASN A 211 -15.91 0.14 -9.18
N THR A 212 -14.86 -0.46 -9.74
CA THR A 212 -13.49 -0.06 -9.42
C THR A 212 -13.13 1.30 -10.02
N ASP A 213 -12.61 2.20 -9.18
CA ASP A 213 -12.18 3.53 -9.63
C ASP A 213 -10.73 3.47 -10.11
N ILE A 214 -10.56 3.06 -11.37
CA ILE A 214 -9.26 3.08 -12.03
C ILE A 214 -9.47 3.75 -13.38
N ARG A 215 -8.53 4.62 -13.75
CA ARG A 215 -8.75 5.55 -14.84
C ARG A 215 -7.63 5.47 -15.85
N VAL A 216 -7.97 5.71 -17.12
CA VAL A 216 -6.95 5.96 -18.13
C VAL A 216 -6.14 7.17 -17.69
N GLY A 217 -4.81 7.05 -17.78
CA GLY A 217 -3.92 8.05 -17.24
C GLY A 217 -3.34 7.71 -15.88
N ASP A 218 -3.92 6.75 -15.16
CA ASP A 218 -3.39 6.38 -13.86
C ASP A 218 -1.98 5.79 -14.01
N VAL A 219 -1.08 6.20 -13.14
CA VAL A 219 0.29 5.69 -13.15
C VAL A 219 0.35 4.45 -12.28
N LEU A 220 0.92 3.38 -12.82
CA LEU A 220 1.09 2.11 -12.10
C LEU A 220 2.55 1.95 -11.74
N VAL A 221 2.83 1.76 -10.45
CA VAL A 221 4.20 1.51 -10.00
C VAL A 221 4.27 0.13 -9.36
N THR A 222 5.50 -0.37 -9.21
CA THR A 222 5.68 -1.66 -8.55
C THR A 222 5.19 -1.61 -7.10
N SER A 223 4.55 -2.69 -6.66
CA SER A 223 4.15 -2.78 -5.27
C SER A 223 5.20 -3.45 -4.40
N GLY A 224 6.14 -4.17 -4.99
CA GLY A 224 7.08 -4.99 -4.25
C GLY A 224 6.49 -6.24 -3.60
N LEU A 225 5.21 -6.53 -3.79
CA LEU A 225 4.61 -7.60 -3.01
C LEU A 225 5.05 -8.98 -3.46
N GLY A 226 5.74 -9.10 -4.60
CA GLY A 226 6.37 -10.34 -4.97
C GLY A 226 7.76 -10.52 -4.39
N GLY A 227 8.19 -9.59 -3.55
CA GLY A 227 9.53 -9.61 -2.99
C GLY A 227 10.65 -9.55 -4.03
N ARG A 228 10.32 -9.18 -5.26
CA ARG A 228 11.24 -9.17 -6.40
C ARG A 228 11.70 -7.77 -6.77
N PHE A 229 10.76 -6.86 -6.99
CA PHE A 229 11.02 -5.50 -7.38
C PHE A 229 10.90 -4.58 -6.16
N PRO A 230 11.75 -3.57 -6.02
CA PRO A 230 11.52 -2.57 -4.99
C PRO A 230 10.22 -1.83 -5.27
N GLU A 231 9.54 -1.43 -4.20
CA GLU A 231 8.24 -0.75 -4.33
C GLU A 231 8.44 0.68 -4.82
N GLY A 232 7.69 1.07 -5.84
CA GLY A 232 7.59 2.47 -6.23
C GLY A 232 8.08 2.80 -7.62
N TYR A 233 8.70 1.88 -8.35
CA TYR A 233 9.20 2.26 -9.66
C TYR A 233 8.07 2.26 -10.69
N PRO A 234 8.00 3.28 -11.55
CA PRO A 234 6.95 3.31 -12.57
C PRO A 234 7.02 2.09 -13.48
N VAL A 235 5.85 1.53 -13.79
CA VAL A 235 5.73 0.39 -14.67
C VAL A 235 4.99 0.74 -15.95
N ALA A 236 3.88 1.48 -15.84
CA ALA A 236 2.99 1.68 -16.98
C ALA A 236 1.98 2.78 -16.66
N VAL A 237 1.30 3.25 -17.69
CA VAL A 237 0.19 4.20 -17.56
C VAL A 237 -1.05 3.52 -18.13
N VAL A 238 -2.10 3.43 -17.31
CA VAL A 238 -3.34 2.81 -17.76
C VAL A 238 -3.79 3.47 -19.06
N SER A 239 -4.03 2.64 -20.07
CA SER A 239 -4.39 3.11 -21.40
C SER A 239 -5.82 2.82 -21.79
N SER A 240 -6.49 1.93 -21.08
CA SER A 240 -7.82 1.48 -21.47
C SER A 240 -8.52 0.89 -20.24
N VAL A 241 -9.73 1.35 -19.98
CA VAL A 241 -10.60 0.83 -18.93
C VAL A 241 -11.96 0.61 -19.57
N LYS A 242 -12.39 -0.65 -19.63
CA LYS A 242 -13.63 -0.98 -20.32
C LYS A 242 -14.47 -1.90 -19.43
N LEU A 243 -15.72 -1.54 -19.23
CA LEU A 243 -16.65 -2.38 -18.49
C LEU A 243 -17.19 -3.44 -19.43
N ASP A 244 -17.08 -4.70 -19.02
CA ASP A 244 -17.76 -5.82 -19.69
C ASP A 244 -19.08 -6.01 -18.96
N THR A 245 -20.15 -5.41 -19.49
CA THR A 245 -21.44 -5.46 -18.79
C THR A 245 -21.99 -6.88 -18.72
N GLN A 246 -21.71 -7.71 -19.72
CA GLN A 246 -22.16 -9.09 -19.71
C GLN A 246 -21.60 -9.84 -18.52
N ARG A 247 -20.28 -9.80 -18.33
CA ARG A 247 -19.62 -10.60 -17.32
C ARG A 247 -19.30 -9.84 -16.04
N ALA A 248 -19.71 -8.58 -15.93
CA ALA A 248 -19.68 -7.83 -14.65
C ALA A 248 -18.27 -7.61 -14.11
N TYR A 249 -17.34 -7.20 -14.97
CA TYR A 249 -16.04 -6.80 -14.47
C TYR A 249 -15.39 -5.80 -15.42
N THR A 250 -14.37 -5.12 -14.93
CA THR A 250 -13.63 -4.12 -15.67
C THR A 250 -12.36 -4.71 -16.24
N VAL A 251 -12.11 -4.43 -17.52
CA VAL A 251 -10.94 -4.92 -18.23
C VAL A 251 -10.00 -3.74 -18.46
N ILE A 252 -8.78 -3.84 -17.94
CA ILE A 252 -7.85 -2.70 -17.93
C ILE A 252 -6.55 -3.10 -18.61
N GLN A 253 -6.05 -2.21 -19.48
CA GLN A 253 -4.74 -2.33 -20.09
C GLN A 253 -3.87 -1.11 -19.77
N ALA A 254 -2.56 -1.29 -19.85
CA ALA A 254 -1.62 -0.26 -19.45
C ALA A 254 -0.39 -0.29 -20.34
N ARG A 255 0.09 0.88 -20.71
CA ARG A 255 1.22 0.93 -21.61
C ARG A 255 2.51 1.17 -20.83
N PRO A 256 3.54 0.33 -20.97
CA PRO A 256 4.77 0.54 -20.21
C PRO A 256 5.32 1.96 -20.39
N THR A 257 5.87 2.50 -19.30
CA THR A 257 6.46 3.84 -19.38
C THR A 257 7.87 3.79 -19.94
N ALA A 258 8.57 2.69 -19.68
CA ALA A 258 9.89 2.51 -20.27
C ALA A 258 9.75 2.18 -21.73
N GLY A 259 10.65 2.72 -22.54
CA GLY A 259 10.80 2.24 -23.89
C GLY A 259 11.35 0.82 -23.83
N LEU A 260 10.70 -0.10 -24.54
CA LEU A 260 11.10 -1.49 -24.51
C LEU A 260 11.66 -1.95 -25.84
N GLN A 261 11.86 -1.05 -26.78
CA GLN A 261 12.46 -1.34 -28.07
C GLN A 261 13.69 -0.47 -28.26
N ARG A 262 14.69 -1.01 -28.95
CA ARG A 262 15.96 -0.30 -29.19
C ARG A 262 16.67 0.03 -27.88
N LEU A 263 16.76 -0.96 -26.99
CA LEU A 263 17.34 -0.75 -25.68
C LEU A 263 18.86 -0.67 -25.77
N ARG A 264 19.46 0.18 -24.93
CA ARG A 264 20.91 0.15 -24.81
C ARG A 264 21.38 0.01 -23.36
N TYR A 265 21.35 1.09 -22.60
CA TYR A 265 21.82 1.04 -21.21
C TYR A 265 20.65 0.76 -20.28
N LEU A 266 20.88 -0.14 -19.33
CA LEU A 266 19.92 -0.48 -18.31
C LEU A 266 20.62 -0.47 -16.95
N LEU A 267 19.82 -0.52 -15.89
CA LEU A 267 20.32 -0.62 -14.53
C LEU A 267 19.84 -1.92 -13.90
N LEU A 268 20.78 -2.68 -13.35
CA LEU A 268 20.47 -3.76 -12.44
C LEU A 268 20.39 -3.20 -11.03
N LEU A 269 19.42 -3.69 -10.25
CA LEU A 269 19.20 -3.24 -8.88
C LEU A 269 19.42 -4.39 -7.91
N TRP A 270 20.05 -4.08 -6.78
CA TRP A 270 20.11 -4.95 -5.62
C TRP A 270 19.50 -4.18 -4.46
N GLY A 271 18.55 -4.79 -3.76
CA GLY A 271 18.14 -4.25 -2.48
C GLY A 271 19.28 -4.31 -1.47
N ALA A 272 19.29 -3.38 -0.53
CA ALA A 272 20.40 -3.33 0.42
C ALA A 272 20.29 -4.46 1.44
N ASP A 273 21.45 -4.81 2.02
CA ASP A 273 21.52 -5.83 3.06
C ASP A 273 22.21 -5.28 4.32
N ASP B 71 39.48 8.84 -27.13
CA ASP B 71 38.95 10.08 -27.72
C ASP B 71 37.99 10.74 -26.74
N GLN B 72 38.56 11.21 -25.62
CA GLN B 72 37.82 11.55 -24.40
C GLN B 72 36.53 12.32 -24.61
N LEU B 73 36.40 13.06 -25.71
CA LEU B 73 35.18 13.82 -25.93
C LEU B 73 33.96 12.91 -26.00
N GLU B 74 34.05 11.84 -26.79
CA GLU B 74 32.99 10.85 -26.83
C GLU B 74 32.94 10.08 -25.50
N LEU B 75 34.11 9.77 -24.95
CA LEU B 75 34.17 9.11 -23.65
C LEU B 75 33.43 9.93 -22.59
N GLU B 76 33.58 11.26 -22.63
CA GLU B 76 32.88 12.11 -21.66
C GLU B 76 31.37 12.03 -21.82
N ASN B 77 30.88 11.86 -23.05
CA ASN B 77 29.44 11.87 -23.27
C ASN B 77 28.80 10.53 -22.91
N ARG B 78 29.59 9.45 -22.90
CA ARG B 78 29.08 8.21 -22.33
C ARG B 78 28.98 8.30 -20.82
N ALA B 79 29.98 8.93 -20.18
CA ALA B 79 29.89 9.16 -18.74
C ALA B 79 28.69 10.05 -18.41
N LEU B 80 28.44 11.06 -19.24
CA LEU B 80 27.30 11.94 -18.98
C LEU B 80 25.98 11.20 -19.14
N ARG B 81 25.85 10.39 -20.19
CA ARG B 81 24.63 9.62 -20.38
C ARG B 81 24.41 8.63 -19.24
N GLN B 82 25.48 8.01 -18.74
CA GLN B 82 25.36 7.14 -17.58
C GLN B 82 24.96 7.92 -16.35
N GLU B 83 25.59 9.08 -16.13
CA GLU B 83 25.18 9.95 -15.02
C GLU B 83 23.69 10.28 -15.13
N LEU B 84 23.22 10.59 -16.34
CA LEU B 84 21.82 10.95 -16.53
C LEU B 84 20.90 9.75 -16.30
N LEU B 85 21.33 8.55 -16.72
CA LEU B 85 20.54 7.36 -16.44
C LEU B 85 20.37 7.13 -14.94
N LEU B 86 21.44 7.31 -14.18
CA LEU B 86 21.38 7.09 -12.74
C LEU B 86 20.50 8.13 -12.06
N LYS B 87 20.65 9.40 -12.45
CA LYS B 87 19.82 10.44 -11.84
C LYS B 87 18.35 10.26 -12.21
N ASN B 88 18.06 9.92 -13.47
CA ASN B 88 16.68 9.65 -13.84
C ASN B 88 16.09 8.52 -13.02
N SER B 89 16.85 7.44 -12.83
CA SER B 89 16.40 6.33 -11.99
C SER B 89 16.09 6.77 -10.57
N GLU B 90 16.82 7.76 -10.05
CA GLU B 90 16.47 8.33 -8.75
C GLU B 90 15.14 9.06 -8.80
N LEU B 91 14.94 9.87 -9.84
CA LEU B 91 13.74 10.69 -9.94
C LEU B 91 12.50 9.86 -10.20
N LEU B 92 12.66 8.61 -10.67
CA LEU B 92 11.52 7.74 -10.87
C LEU B 92 10.74 7.52 -9.59
N MET B 93 11.41 7.60 -8.43
CA MET B 93 10.80 7.33 -7.14
C MET B 93 9.96 8.48 -6.63
N LEU B 94 9.93 9.61 -7.34
CA LEU B 94 9.31 10.81 -6.82
C LEU B 94 7.82 10.60 -6.54
N GLY B 95 7.10 10.02 -7.49
CA GLY B 95 5.66 9.81 -7.29
C GLY B 95 5.37 8.96 -6.07
N GLN B 96 6.13 7.88 -5.91
CA GLN B 96 5.95 7.00 -4.76
C GLN B 96 6.19 7.72 -3.45
N TYR B 97 7.25 8.53 -3.39
CA TYR B 97 7.54 9.25 -2.14
C TYR B 97 6.45 10.24 -1.82
N LYS B 98 5.91 10.92 -2.84
CA LYS B 98 4.82 11.86 -2.60
C LYS B 98 3.64 11.19 -1.92
N GLN B 99 3.17 10.06 -2.47
CA GLN B 99 2.04 9.35 -1.88
C GLN B 99 2.41 8.70 -0.57
N GLU B 100 3.59 8.09 -0.51
CA GLU B 100 3.99 7.37 0.69
C GLU B 100 4.11 8.33 1.88
N ASN B 101 4.76 9.47 1.69
CA ASN B 101 4.85 10.46 2.75
C ASN B 101 3.45 10.93 3.17
N ALA B 102 2.54 11.06 2.20
CA ALA B 102 1.18 11.48 2.54
C ALA B 102 0.51 10.47 3.46
N ARG B 103 0.56 9.18 3.09
CA ARG B 103 -0.09 8.15 3.89
C ARG B 103 0.49 8.09 5.30
N LEU B 104 1.82 8.19 5.40
CA LEU B 104 2.47 8.10 6.71
C LEU B 104 2.15 9.31 7.56
N ARG B 105 2.05 10.48 6.95
CA ARG B 105 1.70 11.68 7.71
C ARG B 105 0.28 11.56 8.27
N GLU B 106 -0.66 11.02 7.49
CA GLU B 106 -2.01 10.78 8.01
C GLU B 106 -1.97 9.89 9.24
N LEU B 107 -1.30 8.72 9.13
CA LEU B 107 -1.22 7.80 10.26
C LEU B 107 -0.62 8.46 11.49
N LEU B 108 0.29 9.42 11.29
CA LEU B 108 0.88 10.13 12.42
C LEU B 108 -0.15 10.96 13.17
N GLY B 109 -1.27 11.28 12.54
CA GLY B 109 -2.34 11.98 13.22
C GLY B 109 -3.13 11.15 14.22
N SER B 110 -2.81 9.87 14.39
CA SER B 110 -3.61 9.01 15.25
C SER B 110 -3.58 9.50 16.69
N PRO B 111 -4.71 9.78 17.31
CA PRO B 111 -4.73 10.32 18.69
C PRO B 111 -4.45 9.26 19.76
N LEU B 112 -3.17 8.88 19.88
CA LEU B 112 -2.76 7.96 20.93
C LEU B 112 -2.44 8.69 22.23
N ARG B 113 -2.54 7.95 23.33
CA ARG B 113 -2.15 8.44 24.63
C ARG B 113 -0.67 8.14 24.89
N GLN B 114 -0.13 8.76 25.94
CA GLN B 114 1.32 8.73 26.17
C GLN B 114 1.82 7.31 26.44
N ASP B 115 1.06 6.53 27.20
CA ASP B 115 1.43 5.17 27.56
C ASP B 115 1.09 4.15 26.48
N GLU B 116 0.63 4.61 25.32
CA GLU B 116 0.24 3.72 24.22
C GLU B 116 1.38 3.67 23.20
N GLN B 117 1.72 2.45 22.77
CA GLN B 117 2.71 2.23 21.73
C GLN B 117 2.00 1.98 20.40
N LYS B 118 2.70 2.31 19.31
CA LYS B 118 2.21 2.07 17.97
C LYS B 118 3.33 1.48 17.12
N MET B 119 2.93 0.78 16.07
CA MET B 119 3.89 0.30 15.07
C MET B 119 3.19 0.27 13.73
N VAL B 120 3.78 0.92 12.74
CA VAL B 120 3.20 0.91 11.41
C VAL B 120 3.37 -0.47 10.79
N THR B 121 2.41 -0.86 9.98
CA THR B 121 2.41 -2.15 9.31
C THR B 121 1.70 -1.93 7.98
N GLN B 122 1.95 -2.84 7.04
CA GLN B 122 1.40 -2.70 5.71
C GLN B 122 0.56 -3.92 5.40
N VAL B 123 -0.67 -3.67 4.94
CA VAL B 123 -1.47 -4.75 4.39
C VAL B 123 -0.75 -5.29 3.18
N ILE B 124 -0.45 -6.58 3.19
CA ILE B 124 0.24 -7.19 2.06
C ILE B 124 -0.67 -8.06 1.20
N SER B 125 -1.97 -8.15 1.54
CA SER B 125 -3.02 -8.65 0.67
C SER B 125 -4.35 -8.73 1.40
N THR B 126 -5.44 -8.79 0.65
CA THR B 126 -6.76 -9.08 1.19
C THR B 126 -7.05 -10.58 0.98
N VAL B 127 -7.51 -11.24 2.05
CA VAL B 127 -7.83 -12.66 1.97
C VAL B 127 -8.95 -12.87 0.95
N ASN B 128 -8.63 -13.51 -0.17
CA ASN B 128 -9.62 -13.79 -1.20
C ASN B 128 -10.63 -14.79 -0.65
N ASP B 129 -11.77 -14.27 -0.18
CA ASP B 129 -12.84 -15.06 0.35
C ASP B 129 -14.04 -14.15 0.19
N PRO B 130 -15.10 -14.60 -0.48
CA PRO B 130 -16.33 -13.80 -0.53
C PRO B 130 -17.13 -13.84 0.77
N TYR B 131 -16.76 -14.69 1.72
CA TYR B 131 -17.50 -14.84 2.97
C TYR B 131 -16.76 -14.27 4.18
N SER B 132 -15.58 -13.70 4.00
CA SER B 132 -14.84 -13.13 5.11
C SER B 132 -14.01 -11.96 4.63
N ASP B 133 -14.06 -10.88 5.40
CA ASP B 133 -13.32 -9.66 5.09
C ASP B 133 -12.11 -9.60 6.03
N GLN B 134 -10.99 -10.12 5.54
CA GLN B 134 -9.75 -10.23 6.29
C GLN B 134 -8.61 -9.75 5.42
N VAL B 135 -7.54 -9.29 6.05
CA VAL B 135 -6.33 -8.88 5.35
C VAL B 135 -5.13 -9.50 6.07
N VAL B 136 -4.00 -9.52 5.37
CA VAL B 136 -2.73 -9.98 5.91
C VAL B 136 -1.81 -8.77 6.03
N ILE B 137 -1.11 -8.67 7.16
CA ILE B 137 -0.23 -7.54 7.43
C ILE B 137 1.19 -8.08 7.60
N ASP B 138 2.17 -7.19 7.43
CA ASP B 138 3.57 -7.58 7.34
C ASP B 138 4.28 -7.60 8.70
N LYS B 139 3.55 -7.82 9.79
CA LYS B 139 4.15 -7.96 11.11
C LYS B 139 3.63 -9.22 11.77
N GLY B 140 4.43 -9.77 12.68
CA GLY B 140 4.12 -11.07 13.25
C GLY B 140 4.66 -11.23 14.65
N SER B 141 4.71 -12.48 15.14
CA SER B 141 5.16 -12.71 16.51
C SER B 141 6.56 -12.17 16.74
N VAL B 142 7.41 -12.20 15.71
CA VAL B 142 8.75 -11.63 15.84
C VAL B 142 8.67 -10.16 16.23
N ASN B 143 7.61 -9.47 15.81
CA ASN B 143 7.47 -8.05 16.08
C ASN B 143 6.62 -7.76 17.33
N GLY B 144 6.25 -8.79 18.08
CA GLY B 144 5.42 -8.57 19.26
C GLY B 144 3.94 -8.48 18.97
N VAL B 145 3.48 -8.98 17.84
CA VAL B 145 2.06 -8.98 17.50
C VAL B 145 1.38 -10.15 18.20
N TYR B 146 0.23 -9.90 18.82
CA TYR B 146 -0.49 -10.93 19.54
C TYR B 146 -1.92 -11.06 19.04
N GLU B 147 -2.48 -12.24 19.28
CA GLU B 147 -3.86 -12.52 18.92
C GLU B 147 -4.82 -11.61 19.70
N GLY B 148 -5.71 -10.94 18.98
CA GLY B 148 -6.65 -10.02 19.58
C GLY B 148 -6.19 -8.59 19.68
N GLN B 149 -5.03 -8.27 19.10
CA GLN B 149 -4.46 -6.93 19.15
C GLN B 149 -5.19 -6.00 18.19
N PRO B 150 -5.47 -4.77 18.59
CA PRO B 150 -6.18 -3.85 17.70
C PRO B 150 -5.29 -3.33 16.58
N VAL B 151 -5.91 -3.09 15.42
CA VAL B 151 -5.31 -2.32 14.36
C VAL B 151 -6.21 -1.12 14.09
N ILE B 152 -5.59 0.04 13.84
CA ILE B 152 -6.30 1.30 13.72
C ILE B 152 -5.77 2.09 12.52
N SER B 153 -6.56 3.05 12.09
CA SER B 153 -6.08 4.16 11.30
C SER B 153 -6.20 5.42 12.13
N ASP B 154 -5.74 6.54 11.58
CA ASP B 154 -5.87 7.82 12.26
C ASP B 154 -7.32 8.23 12.43
N LYS B 155 -8.25 7.61 11.68
CA LYS B 155 -9.66 7.96 11.72
C LYS B 155 -10.52 6.96 12.47
N GLY B 156 -10.04 5.76 12.75
CA GLY B 156 -10.86 4.82 13.49
C GLY B 156 -10.26 3.43 13.58
N VAL B 157 -10.94 2.59 14.37
CA VAL B 157 -10.58 1.19 14.48
C VAL B 157 -10.81 0.51 13.14
N VAL B 158 -9.82 -0.27 12.70
CA VAL B 158 -9.92 -1.00 11.43
C VAL B 158 -10.27 -2.47 11.69
N GLY B 159 -9.77 -3.01 12.79
CA GLY B 159 -10.01 -4.42 13.07
C GLY B 159 -9.07 -4.94 14.15
N GLN B 160 -8.83 -6.26 14.11
CA GLN B 160 -8.00 -6.88 15.13
C GLN B 160 -7.30 -8.11 14.58
N VAL B 161 -6.13 -8.38 15.15
CA VAL B 161 -5.33 -9.54 14.75
C VAL B 161 -6.04 -10.82 15.20
N VAL B 162 -6.30 -11.73 14.26
CA VAL B 162 -6.92 -13.00 14.59
C VAL B 162 -5.97 -14.20 14.49
N ALA B 163 -4.82 -14.05 13.82
CA ALA B 163 -3.91 -15.18 13.64
C ALA B 163 -2.51 -14.62 13.40
N VAL B 164 -1.56 -15.05 14.22
CA VAL B 164 -0.21 -14.50 14.24
C VAL B 164 0.76 -15.57 13.76
N ALA B 165 1.45 -15.30 12.67
CA ALA B 165 2.60 -16.08 12.27
C ALA B 165 3.88 -15.35 12.68
N LYS B 166 5.01 -15.84 12.18
CA LYS B 166 6.30 -15.33 12.62
C LYS B 166 6.53 -13.92 12.08
N LEU B 167 6.30 -13.74 10.78
CA LEU B 167 6.57 -12.48 10.10
C LEU B 167 5.32 -11.79 9.58
N THR B 168 4.18 -12.46 9.56
CA THR B 168 2.93 -11.86 9.09
C THR B 168 1.79 -12.28 10.00
N SER B 169 0.66 -11.58 9.88
CA SER B 169 -0.53 -11.89 10.67
C SER B 169 -1.78 -11.59 9.84
N ARG B 170 -2.86 -12.29 10.17
CA ARG B 170 -4.17 -12.07 9.56
C ARG B 170 -5.00 -11.16 10.46
N VAL B 171 -5.72 -10.22 9.85
CA VAL B 171 -6.52 -9.24 10.58
C VAL B 171 -7.97 -9.35 10.13
N LEU B 172 -8.87 -9.40 11.11
CA LEU B 172 -10.31 -9.36 10.86
C LEU B 172 -10.78 -7.91 10.89
N LEU B 173 -11.41 -7.45 9.82
CA LEU B 173 -11.90 -6.08 9.77
C LEU B 173 -13.20 -5.97 10.56
N ILE B 174 -13.45 -4.80 11.15
CA ILE B 174 -14.62 -4.66 12.03
C ILE B 174 -15.92 -4.76 11.26
N CYS B 175 -15.90 -4.65 9.94
CA CYS B 175 -17.13 -4.82 9.16
C CYS B 175 -17.37 -6.28 8.77
N ASP B 176 -16.53 -7.20 9.20
CA ASP B 176 -16.79 -8.62 8.96
C ASP B 176 -17.94 -9.08 9.84
N ALA B 177 -18.78 -9.97 9.31
CA ALA B 177 -19.94 -10.44 10.08
C ALA B 177 -19.54 -11.14 11.38
N THR B 178 -18.33 -11.72 11.45
CA THR B 178 -17.88 -12.37 12.67
C THR B 178 -17.15 -11.41 13.62
N HIS B 179 -17.11 -10.11 13.31
CA HIS B 179 -16.50 -9.14 14.19
C HIS B 179 -17.58 -8.36 14.94
N ALA B 180 -17.42 -8.26 16.25
CA ALA B 180 -18.20 -7.37 17.07
C ALA B 180 -17.28 -6.76 18.12
N LEU B 181 -17.55 -5.53 18.49
CA LEU B 181 -16.79 -4.89 19.55
C LEU B 181 -17.69 -3.97 20.35
N PRO B 182 -17.45 -3.84 21.65
CA PRO B 182 -18.31 -2.99 22.48
C PRO B 182 -17.96 -1.52 22.29
N ILE B 183 -19.00 -0.70 22.16
CA ILE B 183 -18.81 0.72 21.94
C ILE B 183 -19.63 1.52 22.93
N GLN B 184 -19.35 2.82 22.95
CA GLN B 184 -20.05 3.76 23.81
C GLN B 184 -20.39 4.98 22.98
N VAL B 185 -21.63 5.47 23.15
CA VAL B 185 -22.05 6.69 22.49
C VAL B 185 -21.40 7.88 23.19
N LEU B 186 -20.74 8.73 22.42
CA LEU B 186 -20.04 9.87 22.98
C LEU B 186 -21.00 10.83 23.67
N ARG B 187 -22.14 11.10 23.03
CA ARG B 187 -23.06 12.12 23.53
C ARG B 187 -23.63 11.77 24.91
N ASN B 188 -24.02 10.50 25.13
CA ASN B 188 -24.77 10.19 26.35
C ASN B 188 -24.36 8.88 27.03
N ASP B 189 -23.19 8.33 26.72
CA ASP B 189 -22.57 7.21 27.44
C ASP B 189 -23.27 5.88 27.23
N ILE B 190 -24.25 5.78 26.33
CA ILE B 190 -24.92 4.50 26.12
C ILE B 190 -23.92 3.47 25.58
N ARG B 191 -23.99 2.25 26.11
CA ARG B 191 -23.07 1.19 25.75
C ARG B 191 -23.80 0.07 25.03
N VAL B 192 -23.22 -0.43 23.95
CA VAL B 192 -23.88 -1.43 23.13
C VAL B 192 -22.84 -2.04 22.19
N ILE B 193 -23.10 -3.27 21.73
CA ILE B 193 -22.19 -3.97 20.85
C ILE B 193 -22.46 -3.55 19.41
N ALA B 194 -21.40 -3.26 18.67
CA ALA B 194 -21.50 -2.95 17.25
C ALA B 194 -20.86 -4.08 16.48
N ALA B 195 -21.64 -4.71 15.61
CA ALA B 195 -21.19 -5.89 14.87
C ALA B 195 -21.07 -5.57 13.40
N GLY B 196 -20.11 -6.21 12.74
CA GLY B 196 -20.01 -6.11 11.31
C GLY B 196 -21.11 -6.89 10.62
N ASN B 197 -21.47 -6.43 9.43
CA ASN B 197 -22.53 -7.05 8.64
C ASN B 197 -22.03 -7.32 7.23
N GLY B 198 -20.73 -7.61 7.07
CA GLY B 198 -20.13 -7.66 5.76
C GLY B 198 -19.64 -6.28 5.39
N CYS B 199 -18.52 -6.17 4.68
CA CYS B 199 -17.89 -4.88 4.45
C CYS B 199 -18.50 -4.10 3.29
N THR B 200 -19.58 -4.58 2.70
CA THR B 200 -20.40 -3.79 1.79
C THR B 200 -21.50 -3.02 2.52
N ASP B 201 -21.62 -3.19 3.84
CA ASP B 201 -22.70 -2.63 4.63
C ASP B 201 -22.13 -1.93 5.86
N ASP B 202 -22.96 -1.11 6.50
CA ASP B 202 -22.56 -0.46 7.73
C ASP B 202 -22.56 -1.48 8.87
N LEU B 203 -21.99 -1.08 10.00
CA LEU B 203 -22.09 -1.88 11.21
C LEU B 203 -23.53 -1.91 11.72
N GLN B 204 -23.87 -2.99 12.40
CA GLN B 204 -25.16 -3.17 13.04
C GLN B 204 -24.99 -3.10 14.55
N LEU B 205 -25.71 -2.21 15.19
CA LEU B 205 -25.83 -2.27 16.65
C LEU B 205 -26.80 -3.39 17.01
N GLU B 206 -26.61 -3.95 18.20
CA GLU B 206 -27.59 -4.94 18.63
C GLU B 206 -28.94 -4.28 18.87
N HIS B 207 -30.00 -5.02 18.59
CA HIS B 207 -31.36 -4.51 18.78
C HIS B 207 -31.52 -3.92 20.16
N LEU B 208 -32.08 -2.72 20.21
CA LEU B 208 -32.22 -1.93 21.42
C LEU B 208 -33.69 -1.65 21.73
N PRO B 209 -34.04 -1.34 22.97
CA PRO B 209 -35.43 -1.01 23.27
C PRO B 209 -35.87 0.23 22.51
N ALA B 210 -37.18 0.29 22.24
CA ALA B 210 -37.74 1.44 21.52
C ALA B 210 -37.38 2.74 22.21
N ASN B 211 -37.29 2.72 23.54
CA ASN B 211 -36.96 3.90 24.33
C ASN B 211 -35.44 3.98 24.53
N THR B 212 -34.75 4.18 23.41
CA THR B 212 -33.30 4.36 23.40
C THR B 212 -33.01 5.68 22.70
N ASP B 213 -32.29 6.57 23.37
CA ASP B 213 -31.94 7.86 22.78
C ASP B 213 -30.58 7.76 22.08
N ILE B 214 -30.57 7.06 20.95
CA ILE B 214 -29.45 7.07 20.03
C ILE B 214 -29.91 7.72 18.74
N ARG B 215 -29.05 8.56 18.15
CA ARG B 215 -29.43 9.44 17.06
C ARG B 215 -28.47 9.32 15.88
N VAL B 216 -29.01 9.51 14.68
CA VAL B 216 -28.17 9.65 13.50
C VAL B 216 -27.19 10.78 13.74
N GLY B 217 -25.91 10.55 13.43
CA GLY B 217 -24.85 11.48 13.74
C GLY B 217 -24.14 11.23 15.06
N ASP B 218 -24.69 10.38 15.94
CA ASP B 218 -24.00 10.07 17.19
C ASP B 218 -22.66 9.39 16.89
N VAL B 219 -21.65 9.73 17.68
CA VAL B 219 -20.30 9.20 17.51
C VAL B 219 -20.14 8.02 18.46
N LEU B 220 -19.68 6.89 17.92
CA LEU B 220 -19.41 5.69 18.68
C LEU B 220 -17.92 5.50 18.84
N VAL B 221 -17.48 5.26 20.08
CA VAL B 221 -16.08 5.02 20.39
C VAL B 221 -15.96 3.72 21.17
N THR B 222 -14.73 3.20 21.21
CA THR B 222 -14.47 1.96 21.94
C THR B 222 -14.77 2.14 23.43
N SER B 223 -15.40 1.13 24.03
CA SER B 223 -15.63 1.14 25.46
C SER B 223 -14.58 0.38 26.25
N GLY B 224 -13.84 -0.52 25.60
CA GLY B 224 -12.83 -1.35 26.24
C GLY B 224 -13.39 -2.52 27.05
N LEU B 225 -14.70 -2.75 27.01
CA LEU B 225 -15.29 -3.71 27.92
C LEU B 225 -14.88 -5.15 27.61
N GLY B 226 -14.39 -5.42 26.41
CA GLY B 226 -13.87 -6.74 26.08
C GLY B 226 -12.43 -6.96 26.46
N GLY B 227 -11.77 -5.95 27.02
CA GLY B 227 -10.34 -6.03 27.32
C GLY B 227 -9.44 -6.06 26.11
N ARG B 228 -9.96 -5.68 24.93
CA ARG B 228 -9.24 -5.75 23.67
C ARG B 228 -8.77 -4.39 23.19
N PHE B 229 -9.69 -3.42 23.14
CA PHE B 229 -9.47 -2.14 22.51
C PHE B 229 -9.26 -1.05 23.54
N PRO B 230 -8.21 -0.25 23.41
CA PRO B 230 -8.09 0.95 24.24
C PRO B 230 -9.32 1.82 24.11
N GLU B 231 -9.68 2.47 25.22
CA GLU B 231 -10.97 3.12 25.35
C GLU B 231 -11.01 4.45 24.60
N GLY B 232 -12.20 4.81 24.13
CA GLY B 232 -12.42 6.12 23.56
C GLY B 232 -11.89 6.35 22.16
N TYR B 233 -11.48 5.30 21.45
CA TYR B 233 -11.03 5.50 20.09
C TYR B 233 -12.22 5.51 19.13
N PRO B 234 -12.22 6.37 18.11
CA PRO B 234 -13.37 6.41 17.19
C PRO B 234 -13.59 5.07 16.49
N VAL B 235 -14.85 4.70 16.34
CA VAL B 235 -15.26 3.50 15.62
C VAL B 235 -16.22 3.83 14.47
N ALA B 236 -17.24 4.62 14.74
CA ALA B 236 -18.27 4.81 13.72
C ALA B 236 -19.18 5.98 14.09
N VAL B 237 -19.97 6.40 13.10
CA VAL B 237 -20.98 7.42 13.26
C VAL B 237 -22.32 6.79 12.90
N VAL B 238 -23.31 6.98 13.77
CA VAL B 238 -24.63 6.39 13.55
C VAL B 238 -25.21 6.93 12.25
N SER B 239 -25.62 6.01 11.37
CA SER B 239 -26.08 6.37 10.04
C SER B 239 -27.57 6.13 9.80
N SER B 240 -28.23 5.35 10.66
CA SER B 240 -29.65 5.06 10.48
C SER B 240 -30.22 4.59 11.80
N VAL B 241 -31.38 5.12 12.18
CA VAL B 241 -32.09 4.71 13.38
C VAL B 241 -33.54 4.49 12.99
N LYS B 242 -34.04 3.27 13.19
CA LYS B 242 -35.36 2.93 12.71
C LYS B 242 -36.09 2.07 13.74
N LEU B 243 -37.32 2.47 14.05
CA LEU B 243 -38.15 1.70 14.96
C LEU B 243 -38.94 0.67 14.16
N ASP B 244 -38.81 -0.59 14.51
CA ASP B 244 -39.71 -1.63 14.01
C ASP B 244 -40.81 -1.77 15.04
N THR B 245 -41.96 -1.13 14.77
CA THR B 245 -43.05 -1.11 15.75
C THR B 245 -43.63 -2.49 15.98
N GLN B 246 -43.60 -3.36 14.98
CA GLN B 246 -44.15 -4.70 15.16
C GLN B 246 -43.31 -5.51 16.14
N ARG B 247 -42.00 -5.61 15.89
CA ARG B 247 -41.11 -6.38 16.75
C ARG B 247 -40.70 -5.65 18.02
N ALA B 248 -40.96 -4.35 18.13
CA ALA B 248 -40.78 -3.56 19.36
C ALA B 248 -39.30 -3.37 19.73
N TYR B 249 -38.45 -3.04 18.76
CA TYR B 249 -37.08 -2.64 19.09
C TYR B 249 -36.58 -1.65 18.06
N THR B 250 -35.46 -1.00 18.39
CA THR B 250 -34.80 -0.04 17.51
C THR B 250 -33.68 -0.72 16.74
N VAL B 251 -33.66 -0.53 15.42
CA VAL B 251 -32.64 -1.07 14.53
C VAL B 251 -31.72 0.08 14.13
N ILE B 252 -30.44 -0.06 14.41
CA ILE B 252 -29.49 1.04 14.29
C ILE B 252 -28.27 0.56 13.49
N GLN B 253 -27.87 1.36 12.51
CA GLN B 253 -26.68 1.12 11.72
C GLN B 253 -25.66 2.24 11.98
N ALA B 254 -24.38 1.94 11.74
CA ALA B 254 -23.34 2.92 11.94
C ALA B 254 -22.25 2.77 10.89
N ARG B 255 -21.81 3.91 10.37
CA ARG B 255 -20.77 3.95 9.35
C ARG B 255 -19.41 4.03 10.02
N PRO B 256 -18.50 3.09 9.78
CA PRO B 256 -17.15 3.19 10.35
C PRO B 256 -16.46 4.50 9.96
N THR B 257 -15.75 5.10 10.91
CA THR B 257 -15.04 6.33 10.62
C THR B 257 -13.72 6.10 9.89
N ALA B 258 -13.13 4.91 10.00
CA ALA B 258 -11.94 4.57 9.24
C ALA B 258 -12.30 4.01 7.88
N GLY B 259 -11.51 4.35 6.87
CA GLY B 259 -11.66 3.72 5.57
C GLY B 259 -11.27 2.27 5.65
N LEU B 260 -12.10 1.39 5.09
CA LEU B 260 -11.88 -0.05 5.18
C LEU B 260 -11.61 -0.66 3.80
N GLN B 261 -11.52 0.17 2.78
CA GLN B 261 -11.21 -0.23 1.41
C GLN B 261 -9.81 0.27 1.02
N ARG B 262 -9.14 -0.51 0.17
CA ARG B 262 -7.83 -0.13 -0.37
C ARG B 262 -6.84 0.18 0.75
N LEU B 263 -6.81 -0.67 1.77
CA LEU B 263 -5.93 -0.46 2.90
C LEU B 263 -4.47 -0.60 2.49
N ARG B 264 -3.61 0.20 3.11
CA ARG B 264 -2.19 0.15 2.84
C ARG B 264 -1.43 0.14 4.15
N TYR B 265 -1.31 1.30 4.79
CA TYR B 265 -0.62 1.42 6.06
C TYR B 265 -1.62 1.48 7.21
N LEU B 266 -1.33 0.74 8.27
CA LEU B 266 -2.14 0.72 9.48
C LEU B 266 -1.20 0.77 10.67
N LEU B 267 -1.76 1.07 11.85
CA LEU B 267 -1.02 1.01 13.09
C LEU B 267 -1.48 -0.17 13.91
N LEU B 268 -0.54 -1.04 14.28
CA LEU B 268 -0.73 -1.94 15.38
C LEU B 268 -0.66 -1.14 16.66
N LEU B 269 -1.55 -1.43 17.58
CA LEU B 269 -1.66 -0.63 18.80
C LEU B 269 -1.45 -1.51 20.02
N TRP B 270 -0.66 -0.99 20.96
CA TRP B 270 -0.51 -1.57 22.28
C TRP B 270 -1.10 -0.60 23.28
N GLY B 271 -2.02 -1.09 24.11
CA GLY B 271 -2.58 -0.24 25.13
C GLY B 271 -1.65 -0.09 26.33
N ALA B 272 -1.96 0.90 27.14
CA ALA B 272 -1.25 1.12 28.39
C ALA B 272 -1.58 -0.03 29.34
N ASP B 273 -0.64 -0.39 30.21
CA ASP B 273 -0.94 -1.48 31.17
C ASP B 273 -1.89 -0.98 32.26
N ARG B 274 -2.93 -1.77 32.53
CA ARG B 274 -3.95 -1.57 33.60
C ARG B 274 -4.03 -2.96 34.24
N ASN B 275 -2.97 -3.35 34.98
CA ASN B 275 -2.78 -4.74 35.45
C ASN B 275 -3.91 -5.24 36.34
N GLY B 276 -4.27 -4.49 37.37
CA GLY B 276 -5.39 -4.95 38.20
C GLY B 276 -6.57 -4.03 38.06
N ALA B 277 -6.38 -2.94 37.33
CA ALA B 277 -7.38 -1.86 37.24
C ALA B 277 -8.72 -2.41 36.73
N ASN B 278 -9.79 -1.89 37.31
CA ASN B 278 -11.19 -2.19 36.95
C ASN B 278 -11.50 -1.61 35.57
N PRO B 279 -12.44 -2.17 34.82
CA PRO B 279 -12.84 -1.57 33.54
C PRO B 279 -13.25 -0.12 33.73
N MET B 280 -12.97 0.69 32.70
CA MET B 280 -13.28 2.11 32.76
C MET B 280 -14.77 2.35 32.94
N THR B 281 -15.11 3.38 33.69
CA THR B 281 -16.50 3.79 33.84
C THR B 281 -16.96 4.52 32.58
N PRO B 282 -18.29 4.56 32.33
CA PRO B 282 -18.78 5.37 31.20
C PRO B 282 -18.21 6.78 31.21
N GLU B 283 -18.07 7.36 32.39
CA GLU B 283 -17.52 8.70 32.52
C GLU B 283 -16.06 8.74 32.09
N GLU B 284 -15.26 7.78 32.55
CA GLU B 284 -13.84 7.74 32.19
C GLU B 284 -13.68 7.60 30.68
N VAL B 285 -14.48 6.72 30.07
CA VAL B 285 -14.42 6.51 28.62
C VAL B 285 -14.76 7.79 27.88
N HIS B 286 -15.81 8.48 28.33
CA HIS B 286 -16.20 9.76 27.74
C HIS B 286 -15.05 10.75 27.77
N ARG B 287 -14.36 10.84 28.91
CA ARG B 287 -13.30 11.83 29.06
C ARG B 287 -12.09 11.47 28.22
N VAL B 288 -11.75 10.17 28.16
CA VAL B 288 -10.68 9.70 27.29
C VAL B 288 -11.03 9.97 25.83
N ALA B 289 -12.28 9.69 25.44
CA ALA B 289 -12.70 9.93 24.06
C ALA B 289 -12.55 11.39 23.69
N ASN B 290 -13.02 12.29 24.57
CA ASN B 290 -12.91 13.72 24.31
C ASN B 290 -11.45 14.17 24.26
N GLU B 291 -10.60 13.57 25.08
CA GLU B 291 -9.17 13.87 25.00
C GLU B 291 -8.60 13.49 23.65
N ARG B 292 -8.89 12.26 23.19
CA ARG B 292 -8.42 11.84 21.87
C ARG B 292 -8.92 12.78 20.78
N LEU B 293 -10.21 13.13 20.83
CA LEU B 293 -10.79 13.97 19.79
C LEU B 293 -10.23 15.37 19.83
N MET B 294 -9.67 15.81 20.96
CA MET B 294 -9.13 17.16 21.05
C MET B 294 -7.80 17.29 20.30
N GLN B 295 -7.05 16.19 20.16
CA GLN B 295 -5.83 16.21 19.37
C GLN B 295 -6.06 15.68 17.95
N MET B 296 -7.25 15.90 17.41
CA MET B 296 -7.55 15.56 16.02
C MET B 296 -7.92 16.81 15.24
CL CL C . 7.65 -7.84 -6.69
CL CL D . -12.84 -4.24 23.94
#